data_6NUC
#
_entry.id   6NUC
#
_cell.length_a   79.549
_cell.length_b   127.073
_cell.length_c   127.421
_cell.angle_alpha   90.00
_cell.angle_beta   90.00
_cell.angle_gamma   90.00
#
_symmetry.space_group_name_H-M   'C 2 2 21'
#
loop_
_entity.id
_entity.type
_entity.pdbx_description
1 polymer 'Serine/threonine-protein phosphatase 2B catalytic subunit alpha isoform'
2 polymer 'Calcineurin subunit B type 1'
3 polymer 'Sodium/hydrogen exchanger 1'
4 non-polymer 'FE (III) ION'
5 non-polymer 'ZINC ION'
6 non-polymer 'PHOSPHATE ION'
7 non-polymer DI(HYDROXYETHYL)ETHER
8 non-polymer 'SODIUM ION'
9 non-polymer 'CALCIUM ION'
10 water water
#
loop_
_entity_poly.entity_id
_entity_poly.type
_entity_poly.pdbx_seq_one_letter_code
_entity_poly.pdbx_strand_id
1 'polypeptide(L)'
;GHMSEPKAIDPKLSTTDRVVKAVPFPPSHRLTAKEVFDNDGKPRVDILKAHLMKEGRLEESVALRIITEGASILRQEKNL
LDIDAPVTVCGDIHGQFFDLMKLFEVGGSPANTRYLFLGDYVDRGYFSIECVLYLWALKILYPKTLFLLRGNHECRHLTE
YFTFKQECKIKYSERVYDACMDAFDCLPLAALMNQQFLCVHGGLSPEINTLDDIRKLDRFKEPPAYGPMCDILWSDPLED
FGNEKTQEHFTHNTVRGCSYFYSYPAVCEFLQHNNLLSILRAHEAQDAGYRMYRKSQTTGFPSLITIFSAPNYLDVYNNK
AAVLKYENNVMNIRQFNCSPHPYWLPNFMDVFTWSLPFVGEKVTEMLVNVLN
;
A
2 'polypeptide(L)'
;MDADEIKRLGKRFKKLDLDNSGSLSVEEFMSLPELQQNPLVQRVIDIFDTDGNGEVDFKEFIEGVSQFSVKGDKEQKLRF
AFRIYDMDKDGYISNGELFQVLKMMVGNNLKDTQLQQIVDKTIINADKDGDGRISFEEFCAVVGGLDIHKKMVVDV
;
B
3 'polypeptide(L)' GHMKINNYLTVPAHKLDSPTMSRARIGSDPLAYEPKEDLPVITIDPAS C
#
loop_
_chem_comp.id
_chem_comp.type
_chem_comp.name
_chem_comp.formula
CA non-polymer 'CALCIUM ION' 'Ca 2'
FE non-polymer 'FE (III) ION' 'Fe 3'
NA non-polymer 'SODIUM ION' 'Na 1'
PEG non-polymer DI(HYDROXYETHYL)ETHER 'C4 H10 O3'
PO4 non-polymer 'PHOSPHATE ION' 'O4 P -3'
ZN non-polymer 'ZINC ION' 'Zn 2'
#
# COMPACT_ATOMS: atom_id res chain seq x y z
N LYS A 12 -32.24 -12.68 -7.55
CA LYS A 12 -30.92 -12.38 -8.05
C LYS A 12 -30.31 -11.18 -7.30
N LEU A 13 -28.99 -11.23 -7.09
CA LEU A 13 -28.31 -10.13 -6.42
C LEU A 13 -28.52 -8.82 -7.17
N SER A 14 -28.69 -7.74 -6.41
CA SER A 14 -28.85 -6.43 -7.01
C SER A 14 -27.64 -6.06 -7.86
N THR A 15 -27.89 -5.42 -8.99
CA THR A 15 -26.83 -4.92 -9.87
C THR A 15 -26.37 -3.51 -9.49
N THR A 16 -27.05 -2.86 -8.56
CA THR A 16 -26.67 -1.51 -8.14
C THR A 16 -26.19 -1.48 -6.70
N ASP A 17 -26.95 -2.03 -5.77
CA ASP A 17 -26.55 -2.10 -4.38
C ASP A 17 -25.33 -3.00 -4.21
N ARG A 18 -24.61 -2.78 -3.11
CA ARG A 18 -23.35 -3.47 -2.87
C ARG A 18 -23.62 -4.89 -2.40
N VAL A 19 -22.77 -5.80 -2.87
CA VAL A 19 -22.94 -7.22 -2.57
C VAL A 19 -22.51 -7.54 -1.15
N VAL A 20 -21.32 -7.12 -0.76
CA VAL A 20 -20.76 -7.51 0.54
C VAL A 20 -21.03 -6.38 1.51
N LYS A 21 -22.23 -6.38 2.08
CA LYS A 21 -22.70 -5.23 2.86
C LYS A 21 -21.98 -5.09 4.18
N ALA A 22 -21.35 -6.15 4.69
CA ALA A 22 -20.61 -6.06 5.93
C ALA A 22 -19.39 -5.16 5.80
N VAL A 23 -18.91 -4.97 4.57
CA VAL A 23 -17.82 -4.02 4.31
C VAL A 23 -18.43 -2.63 4.27
N PRO A 24 -18.01 -1.71 5.15
CA PRO A 24 -18.56 -0.35 5.08
C PRO A 24 -18.01 0.42 3.87
N PHE A 25 -18.89 1.14 3.21
CA PHE A 25 -18.48 1.97 2.06
C PHE A 25 -17.62 3.14 2.56
N PRO A 26 -16.42 3.34 2.01
CA PRO A 26 -15.56 4.38 2.55
C PRO A 26 -16.19 5.76 2.35
N PRO A 27 -15.95 6.69 3.29
CA PRO A 27 -16.46 8.05 3.10
C PRO A 27 -15.78 8.75 1.94
N SER A 28 -16.58 9.51 1.20
CA SER A 28 -16.09 10.37 0.14
C SER A 28 -15.76 11.77 0.61
N HIS A 29 -16.33 12.18 1.74
N HIS A 29 -16.33 12.21 1.73
CA HIS A 29 -16.11 13.51 2.32
CA HIS A 29 -16.13 13.59 2.15
C HIS A 29 -14.64 13.72 2.64
C HIS A 29 -14.72 13.78 2.69
N ARG A 30 -14.14 14.92 2.35
CA ARG A 30 -12.81 15.32 2.80
C ARG A 30 -12.93 16.29 3.98
N LEU A 31 -12.24 15.97 5.07
CA LEU A 31 -12.37 16.76 6.29
C LEU A 31 -11.80 18.16 6.10
N THR A 32 -12.49 19.13 6.68
CA THR A 32 -12.08 20.54 6.61
C THR A 32 -11.24 20.91 7.83
N ALA A 33 -10.71 22.12 7.79
CA ALA A 33 -9.84 22.60 8.87
C ALA A 33 -10.58 22.69 10.20
N LYS A 34 -11.83 23.17 10.18
CA LYS A 34 -12.59 23.22 11.43
C LYS A 34 -12.87 21.83 11.99
N GLU A 35 -12.94 20.82 11.14
CA GLU A 35 -13.18 19.47 11.59
C GLU A 35 -11.93 18.77 12.12
N VAL A 36 -10.74 19.29 11.79
CA VAL A 36 -9.49 18.65 12.17
C VAL A 36 -8.75 19.42 13.25
N PHE A 37 -8.98 20.73 13.38
CA PHE A 37 -8.31 21.56 14.38
C PHE A 37 -9.33 22.20 15.31
N ASP A 38 -9.12 22.07 16.61
CA ASP A 38 -10.08 22.52 17.61
C ASP A 38 -9.96 24.03 17.80
N ASN A 39 -10.66 24.56 18.80
CA ASN A 39 -10.75 26.00 18.97
C ASN A 39 -9.39 26.64 19.22
N ASP A 40 -8.45 25.90 19.81
CA ASP A 40 -7.13 26.42 20.10
C ASP A 40 -6.08 26.09 19.03
N GLY A 41 -6.51 25.53 17.90
CA GLY A 41 -5.57 25.14 16.87
C GLY A 41 -4.88 23.81 17.09
N LYS A 42 -5.35 23.02 18.06
CA LYS A 42 -4.77 21.69 18.31
C LYS A 42 -5.47 20.65 17.43
N PRO A 43 -4.71 19.70 16.87
CA PRO A 43 -5.34 18.64 16.06
C PRO A 43 -6.32 17.80 16.89
N ARG A 44 -7.44 17.46 16.26
CA ARG A 44 -8.46 16.58 16.87
C ARG A 44 -8.12 15.15 16.45
N VAL A 45 -7.17 14.55 17.16
CA VAL A 45 -6.60 13.28 16.71
C VAL A 45 -7.59 12.14 16.84
N ASP A 46 -8.59 12.26 17.70
CA ASP A 46 -9.64 11.23 17.72
C ASP A 46 -10.48 11.25 16.46
N ILE A 47 -10.88 12.43 16.01
CA ILE A 47 -11.57 12.57 14.72
C ILE A 47 -10.71 12.03 13.60
N LEU A 48 -9.45 12.46 13.55
CA LEU A 48 -8.53 12.03 12.49
C LEU A 48 -8.36 10.53 12.49
N LYS A 49 -8.12 9.94 13.66
CA LYS A 49 -7.90 8.49 13.72
CA LYS A 49 -7.90 8.49 13.73
C LYS A 49 -9.10 7.74 13.17
N ALA A 50 -10.31 8.10 13.61
CA ALA A 50 -11.50 7.38 13.14
C ALA A 50 -11.69 7.52 11.64
N HIS A 51 -11.48 8.73 11.11
CA HIS A 51 -11.67 8.97 9.67
C HIS A 51 -10.65 8.22 8.85
N LEU A 52 -9.37 8.28 9.25
CA LEU A 52 -8.31 7.61 8.49
C LEU A 52 -8.46 6.08 8.55
N MET A 53 -8.97 5.53 9.65
CA MET A 53 -9.20 4.10 9.71
C MET A 53 -10.27 3.66 8.74
N LYS A 54 -11.14 4.57 8.31
CA LYS A 54 -12.16 4.28 7.29
C LYS A 54 -11.67 4.56 5.89
N GLU A 55 -10.36 4.78 5.72
CA GLU A 55 -9.77 5.23 4.46
C GLU A 55 -10.31 6.60 4.03
N GLY A 56 -10.74 7.40 5.00
CA GLY A 56 -11.17 8.75 4.68
C GLY A 56 -9.99 9.66 4.39
N ARG A 57 -10.25 10.71 3.61
CA ARG A 57 -9.24 11.66 3.20
C ARG A 57 -9.52 13.03 3.81
N LEU A 58 -8.50 13.86 3.80
CA LEU A 58 -8.61 15.25 4.21
C LEU A 58 -8.67 16.15 2.97
N GLU A 59 -9.18 17.36 3.17
CA GLU A 59 -9.02 18.39 2.15
C GLU A 59 -7.52 18.64 1.98
N GLU A 60 -7.10 18.92 0.74
CA GLU A 60 -5.68 19.13 0.47
C GLU A 60 -5.09 20.20 1.37
N SER A 61 -5.82 21.32 1.54
CA SER A 61 -5.26 22.41 2.35
C SER A 61 -5.08 21.98 3.79
N VAL A 62 -5.91 21.03 4.28
CA VAL A 62 -5.80 20.55 5.64
C VAL A 62 -4.63 19.58 5.79
N ALA A 63 -4.47 18.67 4.82
CA ALA A 63 -3.29 17.81 4.79
C ALA A 63 -2.02 18.63 4.78
N LEU A 64 -1.97 19.70 3.95
CA LEU A 64 -0.78 20.53 3.86
C LEU A 64 -0.53 21.26 5.18
N ARG A 65 -1.59 21.67 5.86
CA ARG A 65 -1.44 22.34 7.15
C ARG A 65 -0.84 21.40 8.19
N ILE A 66 -1.31 20.16 8.24
CA ILE A 66 -0.72 19.17 9.14
C ILE A 66 0.75 18.98 8.83
N ILE A 67 1.08 18.80 7.56
CA ILE A 67 2.44 18.51 7.17
C ILE A 67 3.36 19.68 7.49
N THR A 68 2.94 20.91 7.14
CA THR A 68 3.81 22.07 7.38
C THR A 68 3.87 22.46 8.84
N GLU A 69 2.78 22.31 9.59
CA GLU A 69 2.86 22.59 11.02
C GLU A 69 3.75 21.58 11.74
N GLY A 70 3.65 20.30 11.37
CA GLY A 70 4.55 19.31 11.93
C GLY A 70 6.00 19.58 11.56
N ALA A 71 6.23 19.95 10.30
CA ALA A 71 7.57 20.28 9.85
C ALA A 71 8.17 21.42 10.67
N SER A 72 7.35 22.43 10.99
CA SER A 72 7.85 23.57 11.74
C SER A 72 8.32 23.18 13.14
N ILE A 73 7.66 22.20 13.74
CA ILE A 73 8.12 21.70 15.03
C ILE A 73 9.43 20.93 14.85
N LEU A 74 9.46 20.03 13.86
CA LEU A 74 10.69 19.28 13.60
C LEU A 74 11.85 20.22 13.27
N ARG A 75 11.55 21.27 12.51
CA ARG A 75 12.59 22.20 12.05
C ARG A 75 13.34 22.84 13.22
N GLN A 76 12.67 23.03 14.36
CA GLN A 76 13.26 23.65 15.53
C GLN A 76 13.97 22.66 16.45
N GLU A 77 13.91 21.37 16.14
CA GLU A 77 14.57 20.37 16.97
C GLU A 77 16.03 20.17 16.54
N LYS A 78 16.82 19.60 17.43
CA LYS A 78 18.23 19.33 17.20
C LYS A 78 18.43 18.10 16.33
N ASN A 79 19.60 18.02 15.69
CA ASN A 79 20.00 16.82 14.99
C ASN A 79 19.92 15.61 15.89
N LEU A 80 20.36 15.78 17.14
CA LEU A 80 20.46 14.73 18.15
C LEU A 80 19.54 15.13 19.30
N LEU A 81 18.38 14.48 19.39
CA LEU A 81 17.43 14.74 20.45
C LEU A 81 17.94 14.23 21.79
N ASP A 82 17.53 14.90 22.86
N ASP A 82 17.52 14.91 22.86
CA ASP A 82 17.85 14.48 24.23
CA ASP A 82 17.82 14.52 24.24
C ASP A 82 16.55 14.08 24.90
C ASP A 82 16.51 14.07 24.88
N ILE A 83 16.31 12.76 24.97
CA ILE A 83 15.03 12.21 25.42
C ILE A 83 15.25 11.43 26.71
N ASP A 84 14.62 11.88 27.78
CA ASP A 84 14.66 11.15 29.05
C ASP A 84 13.74 9.95 29.02
N ALA A 85 14.08 8.92 29.80
CA ALA A 85 13.14 7.86 30.11
C ALA A 85 12.05 8.40 31.03
N PRO A 86 10.88 7.79 31.03
CA PRO A 86 10.46 6.62 30.23
C PRO A 86 10.13 6.98 28.78
N VAL A 87 10.28 6.00 27.89
CA VAL A 87 9.96 6.19 26.48
C VAL A 87 9.73 4.81 25.86
N THR A 88 8.84 4.77 24.87
CA THR A 88 8.59 3.59 24.05
C THR A 88 9.23 3.85 22.69
N VAL A 89 10.15 2.97 22.31
CA VAL A 89 10.92 3.11 21.09
C VAL A 89 10.35 2.15 20.05
N CYS A 90 10.15 2.67 18.82
CA CYS A 90 9.45 1.98 17.77
C CYS A 90 10.30 2.00 16.51
N GLY A 91 10.30 0.89 15.78
CA GLY A 91 11.00 0.76 14.52
C GLY A 91 10.09 0.94 13.33
N ASP A 92 10.45 0.29 12.21
CA ASP A 92 9.84 0.59 10.93
C ASP A 92 8.32 0.39 10.98
N ILE A 93 7.60 1.27 10.28
CA ILE A 93 6.15 1.19 10.12
C ILE A 93 5.77 0.84 8.69
N HIS A 94 6.44 1.45 7.72
CA HIS A 94 6.27 1.19 6.29
C HIS A 94 4.81 1.17 5.84
N GLY A 95 4.10 2.25 6.17
CA GLY A 95 2.76 2.44 5.64
C GLY A 95 1.71 1.49 6.14
N GLN A 96 1.98 0.74 7.19
CA GLN A 96 1.02 -0.24 7.73
C GLN A 96 0.19 0.44 8.82
N PHE A 97 -0.73 1.32 8.36
CA PHE A 97 -1.47 2.18 9.27
C PHE A 97 -2.28 1.39 10.29
N PHE A 98 -2.88 0.28 9.85
CA PHE A 98 -3.73 -0.48 10.76
C PHE A 98 -2.91 -1.22 11.79
N ASP A 99 -1.64 -1.44 11.53
CA ASP A 99 -0.72 -1.95 12.56
C ASP A 99 -0.18 -0.85 13.47
N LEU A 100 -0.01 0.36 12.93
CA LEU A 100 0.26 1.51 13.79
C LEU A 100 -0.83 1.71 14.81
N MET A 101 -2.09 1.56 14.42
CA MET A 101 -3.19 1.64 15.40
C MET A 101 -3.01 0.61 16.53
N LYS A 102 -2.65 -0.61 16.18
CA LYS A 102 -2.38 -1.63 17.20
C LYS A 102 -1.16 -1.27 18.04
N LEU A 103 -0.13 -0.69 17.39
CA LEU A 103 1.08 -0.30 18.12
C LEU A 103 0.76 0.65 19.26
N PHE A 104 -0.10 1.64 19.02
CA PHE A 104 -0.44 2.57 20.10
C PHE A 104 -1.28 1.89 21.18
N GLU A 105 -2.10 0.90 20.80
CA GLU A 105 -2.80 0.09 21.80
C GLU A 105 -1.80 -0.65 22.69
N VAL A 106 -0.75 -1.24 22.10
CA VAL A 106 0.21 -2.02 22.86
C VAL A 106 1.14 -1.13 23.65
N GLY A 107 1.64 -0.06 23.05
CA GLY A 107 2.58 0.82 23.73
C GLY A 107 1.94 1.78 24.70
N GLY A 108 0.68 2.13 24.48
CA GLY A 108 -0.02 3.06 25.32
C GLY A 108 -0.37 4.35 24.57
N SER A 109 -1.43 4.99 25.01
CA SER A 109 -1.90 6.19 24.32
C SER A 109 -0.84 7.29 24.36
N PRO A 110 -0.61 8.00 23.24
CA PRO A 110 0.29 9.17 23.32
C PRO A 110 -0.20 10.25 24.27
N ALA A 111 -1.47 10.22 24.68
CA ALA A 111 -1.94 11.17 25.69
C ALA A 111 -1.17 11.04 26.99
N ASN A 112 -0.62 9.86 27.27
CA ASN A 112 0.13 9.66 28.51
C ASN A 112 1.34 8.75 28.34
N THR A 113 1.88 8.64 27.13
CA THR A 113 3.02 7.79 26.85
C THR A 113 4.00 8.53 25.97
N ARG A 114 5.27 8.58 26.39
CA ARG A 114 6.31 9.18 25.57
C ARG A 114 6.78 8.18 24.52
N TYR A 115 6.99 8.69 23.30
CA TYR A 115 7.29 7.83 22.16
C TYR A 115 8.48 8.35 21.39
N LEU A 116 9.26 7.41 20.84
CA LEU A 116 10.32 7.69 19.88
C LEU A 116 10.22 6.69 18.74
N PHE A 117 10.07 7.21 17.52
CA PHE A 117 10.04 6.43 16.30
C PHE A 117 11.35 6.61 15.54
N LEU A 118 11.88 5.50 15.02
CA LEU A 118 13.18 5.48 14.40
C LEU A 118 13.14 5.58 12.87
N GLY A 119 12.01 5.90 12.27
CA GLY A 119 11.95 6.17 10.85
C GLY A 119 11.30 5.07 10.03
N ASP A 120 11.42 5.23 8.72
CA ASP A 120 10.77 4.37 7.71
C ASP A 120 9.26 4.27 7.96
N TYR A 121 8.61 5.43 7.87
CA TYR A 121 7.16 5.55 7.97
C TYR A 121 6.44 5.17 6.68
N VAL A 122 7.11 5.28 5.54
CA VAL A 122 6.46 5.21 4.24
C VAL A 122 7.10 4.12 3.39
N ASP A 123 6.44 3.85 2.26
CA ASP A 123 6.80 2.85 1.24
C ASP A 123 6.41 1.42 1.67
N ARG A 124 6.15 0.58 0.67
CA ARG A 124 5.86 -0.84 0.84
C ARG A 124 4.41 -1.05 1.29
N GLY A 125 4.01 -0.48 2.41
CA GLY A 125 2.61 -0.45 2.78
C GLY A 125 1.86 0.65 2.04
N TYR A 126 0.57 0.39 1.77
CA TYR A 126 -0.22 1.27 0.93
C TYR A 126 -1.06 2.28 1.74
N PHE A 127 -0.72 2.47 3.01
CA PHE A 127 -1.34 3.51 3.82
C PHE A 127 -0.26 4.45 4.40
N SER A 128 0.78 4.73 3.59
CA SER A 128 1.88 5.59 4.03
C SER A 128 1.43 7.02 4.32
N ILE A 129 0.55 7.58 3.49
CA ILE A 129 0.18 8.99 3.74
C ILE A 129 -0.68 9.09 5.00
N GLU A 130 -1.49 8.07 5.29
CA GLU A 130 -2.24 8.08 6.54
C GLU A 130 -1.31 7.99 7.75
N CYS A 131 -0.27 7.15 7.66
CA CYS A 131 0.76 7.11 8.71
C CYS A 131 1.39 8.49 8.92
N VAL A 132 1.83 9.14 7.84
CA VAL A 132 2.44 10.46 7.95
C VAL A 132 1.48 11.48 8.56
N LEU A 133 0.24 11.53 8.05
CA LEU A 133 -0.69 12.54 8.55
C LEU A 133 -0.99 12.33 10.02
N TYR A 134 -1.15 11.06 10.46
CA TYR A 134 -1.50 10.83 11.86
C TYR A 134 -0.31 11.10 12.78
N LEU A 135 0.88 10.64 12.41
CA LEU A 135 2.05 10.88 13.24
C LEU A 135 2.41 12.37 13.30
N TRP A 136 2.29 13.07 12.16
CA TRP A 136 2.52 14.52 12.17
C TRP A 136 1.48 15.24 13.04
N ALA A 137 0.21 14.81 13.00
CA ALA A 137 -0.79 15.42 13.89
C ALA A 137 -0.46 15.19 15.36
N LEU A 138 -0.02 13.99 15.71
CA LEU A 138 0.38 13.70 17.07
C LEU A 138 1.58 14.53 17.50
N LYS A 139 2.54 14.74 16.57
CA LYS A 139 3.69 15.57 16.87
C LYS A 139 3.27 17.01 17.14
N ILE A 140 2.28 17.52 16.38
CA ILE A 140 1.74 18.86 16.66
C ILE A 140 1.13 18.88 18.05
N LEU A 141 0.38 17.83 18.40
CA LEU A 141 -0.36 17.83 19.65
C LEU A 141 0.54 17.54 20.84
N TYR A 142 1.57 16.75 20.64
CA TYR A 142 2.47 16.32 21.73
C TYR A 142 3.92 16.64 21.36
N PRO A 143 4.24 17.92 21.19
CA PRO A 143 5.54 18.27 20.57
C PRO A 143 6.74 17.86 21.41
N LYS A 144 6.58 17.70 22.72
CA LYS A 144 7.71 17.36 23.58
C LYS A 144 7.59 15.99 24.21
N THR A 145 6.62 15.16 23.79
CA THR A 145 6.54 13.80 24.30
C THR A 145 6.49 12.72 23.22
N LEU A 146 6.31 13.09 21.95
CA LEU A 146 6.36 12.17 20.82
C LEU A 146 7.42 12.63 19.85
N PHE A 147 8.35 11.74 19.50
CA PHE A 147 9.51 12.09 18.71
C PHE A 147 9.65 11.19 17.50
N LEU A 148 10.13 11.78 16.41
CA LEU A 148 10.21 11.16 15.10
C LEU A 148 11.62 11.38 14.55
N LEU A 149 12.29 10.28 14.19
CA LEU A 149 13.57 10.36 13.51
C LEU A 149 13.39 10.07 12.03
N ARG A 150 14.43 10.42 11.26
CA ARG A 150 14.43 10.11 9.84
C ARG A 150 14.92 8.70 9.59
N GLY A 151 14.22 7.95 8.74
CA GLY A 151 14.73 6.71 8.19
C GLY A 151 15.21 6.91 6.76
N ASN A 152 15.75 5.84 6.18
CA ASN A 152 16.29 5.99 4.83
C ASN A 152 15.18 6.14 3.78
N HIS A 153 13.93 5.74 4.07
CA HIS A 153 12.85 5.95 3.12
C HIS A 153 12.27 7.34 3.17
N GLU A 154 12.65 8.16 4.13
CA GLU A 154 12.10 9.53 4.22
C GLU A 154 12.94 10.46 3.33
N CYS A 155 12.86 10.19 2.03
CA CYS A 155 13.64 10.95 1.05
C CYS A 155 12.99 10.83 -0.32
N ARG A 156 13.46 11.67 -1.24
CA ARG A 156 12.90 11.70 -2.59
C ARG A 156 13.35 10.49 -3.38
N HIS A 157 14.61 10.09 -3.19
CA HIS A 157 15.19 8.99 -3.97
C HIS A 157 14.35 7.72 -3.85
N LEU A 158 14.03 7.33 -2.62
CA LEU A 158 13.33 6.05 -2.42
C LEU A 158 11.82 6.17 -2.62
N THR A 159 11.21 7.30 -2.27
CA THR A 159 9.75 7.39 -2.37
C THR A 159 9.29 7.50 -3.82
N GLU A 160 10.16 7.97 -4.73
CA GLU A 160 9.78 7.96 -6.14
C GLU A 160 10.04 6.60 -6.79
N TYR A 161 10.96 5.81 -6.23
CA TYR A 161 11.23 4.46 -6.73
C TYR A 161 10.19 3.47 -6.22
N PHE A 162 9.92 3.50 -4.92
CA PHE A 162 8.81 2.74 -4.34
C PHE A 162 7.51 3.50 -4.55
N THR A 163 6.49 3.24 -3.73
CA THR A 163 5.13 3.63 -4.08
C THR A 163 4.60 4.88 -3.38
N PHE A 164 5.38 5.52 -2.50
CA PHE A 164 4.80 6.62 -1.72
C PHE A 164 4.39 7.78 -2.62
N LYS A 165 5.20 8.10 -3.62
CA LYS A 165 4.85 9.23 -4.49
C LYS A 165 3.56 8.93 -5.24
N GLN A 166 3.47 7.72 -5.82
CA GLN A 166 2.24 7.30 -6.48
C GLN A 166 1.06 7.31 -5.52
N GLU A 167 1.27 6.86 -4.28
CA GLU A 167 0.18 6.87 -3.30
C GLU A 167 -0.34 8.28 -3.08
N CYS A 168 0.57 9.25 -2.93
CA CYS A 168 0.17 10.63 -2.75
C CYS A 168 -0.63 11.13 -3.95
N LYS A 169 -0.21 10.76 -5.16
CA LYS A 169 -0.91 11.28 -6.34
C LYS A 169 -2.29 10.65 -6.51
N ILE A 170 -2.48 9.43 -6.03
CA ILE A 170 -3.79 8.78 -6.09
C ILE A 170 -4.74 9.38 -5.06
N LYS A 171 -4.27 9.55 -3.82
CA LYS A 171 -5.15 9.97 -2.74
C LYS A 171 -5.20 11.46 -2.55
N TYR A 172 -4.12 12.18 -2.89
CA TYR A 172 -4.03 13.62 -2.66
C TYR A 172 -3.53 14.31 -3.92
N SER A 173 -2.29 14.78 -3.90
CA SER A 173 -1.69 15.44 -5.06
C SER A 173 -0.19 15.37 -4.93
N GLU A 174 0.51 15.68 -6.03
CA GLU A 174 1.97 15.78 -5.97
C GLU A 174 2.38 16.93 -5.06
N ARG A 175 1.54 17.96 -4.94
N ARG A 175 1.54 17.96 -4.94
CA ARG A 175 1.84 19.04 -4.01
CA ARG A 175 1.81 19.05 -4.01
C ARG A 175 1.96 18.50 -2.58
C ARG A 175 1.95 18.51 -2.59
N VAL A 176 1.08 17.58 -2.20
CA VAL A 176 1.18 16.98 -0.87
C VAL A 176 2.43 16.13 -0.76
N TYR A 177 2.78 15.39 -1.82
CA TYR A 177 4.03 14.65 -1.82
C TYR A 177 5.20 15.60 -1.61
N ASP A 178 5.23 16.70 -2.36
CA ASP A 178 6.34 17.64 -2.25
C ASP A 178 6.41 18.23 -0.85
N ALA A 179 5.25 18.49 -0.22
CA ALA A 179 5.26 18.99 1.14
C ALA A 179 5.85 17.96 2.11
N CYS A 180 5.52 16.69 1.92
CA CYS A 180 6.12 15.65 2.75
C CYS A 180 7.63 15.63 2.60
N MET A 181 8.12 15.79 1.36
CA MET A 181 9.57 15.70 1.13
C MET A 181 10.30 16.84 1.86
N ASP A 182 9.72 18.05 1.85
CA ASP A 182 10.34 19.15 2.58
C ASP A 182 10.21 18.95 4.07
N ALA A 183 9.11 18.36 4.54
CA ALA A 183 8.98 18.04 5.94
C ALA A 183 10.00 16.97 6.35
N PHE A 184 10.18 15.94 5.51
CA PHE A 184 11.12 14.88 5.85
C PHE A 184 12.54 15.42 6.03
N ASP A 185 12.88 16.47 5.28
CA ASP A 185 14.19 17.09 5.43
C ASP A 185 14.39 17.65 6.83
N CYS A 186 13.29 17.94 7.56
CA CYS A 186 13.42 18.49 8.90
C CYS A 186 13.60 17.43 9.98
N LEU A 187 13.41 16.17 9.66
CA LEU A 187 13.42 15.13 10.68
C LEU A 187 14.78 15.04 11.36
N PRO A 188 14.84 15.06 12.69
CA PRO A 188 16.09 14.75 13.37
C PRO A 188 16.66 13.39 12.95
N LEU A 189 17.96 13.24 13.14
CA LEU A 189 18.68 12.05 12.70
C LEU A 189 18.93 11.04 13.80
N ALA A 190 18.91 11.45 15.06
CA ALA A 190 19.34 10.58 16.13
C ALA A 190 18.74 11.05 17.43
N ALA A 191 18.72 10.16 18.41
CA ALA A 191 18.31 10.49 19.76
C ALA A 191 19.31 9.93 20.75
N LEU A 192 19.64 10.73 21.74
CA LEU A 192 20.36 10.29 22.94
C LEU A 192 19.29 10.07 24.00
N MET A 193 19.05 8.80 24.34
CA MET A 193 17.94 8.44 25.21
C MET A 193 18.46 8.08 26.59
N ASN A 194 17.94 8.79 27.60
CA ASN A 194 18.26 8.60 29.00
C ASN A 194 19.77 8.62 29.26
N GLN A 195 20.51 9.35 28.43
CA GLN A 195 21.96 9.48 28.53
C GLN A 195 22.66 8.13 28.44
N GLN A 196 21.98 7.12 27.90
CA GLN A 196 22.50 5.76 27.84
C GLN A 196 22.52 5.17 26.44
N PHE A 197 21.57 5.55 25.58
CA PHE A 197 21.37 4.89 24.30
C PHE A 197 21.46 5.89 23.16
N LEU A 198 22.22 5.56 22.15
CA LEU A 198 22.16 6.28 20.88
C LEU A 198 21.13 5.56 20.00
N CYS A 199 20.13 6.29 19.56
CA CYS A 199 19.01 5.74 18.77
C CYS A 199 19.08 6.36 17.36
N VAL A 200 19.17 5.49 16.36
CA VAL A 200 19.26 5.88 14.96
C VAL A 200 18.48 4.86 14.15
N HIS A 201 18.17 5.19 12.90
CA HIS A 201 17.52 4.22 12.04
C HIS A 201 18.47 3.08 11.65
N GLY A 202 19.62 3.44 11.07
CA GLY A 202 20.53 2.45 10.53
C GLY A 202 21.67 2.07 11.45
N GLY A 203 22.56 3.03 11.72
CA GLY A 203 23.63 2.76 12.65
C GLY A 203 24.79 3.73 12.61
N LEU A 204 26.00 3.16 12.68
CA LEU A 204 27.24 3.91 12.83
C LEU A 204 27.83 4.27 11.49
N SER A 205 28.86 5.12 11.54
CA SER A 205 29.50 5.66 10.36
C SER A 205 31.01 5.71 10.62
N PRO A 206 31.82 5.43 9.60
CA PRO A 206 33.27 5.67 9.78
C PRO A 206 33.59 7.11 10.12
N GLU A 207 32.75 8.06 9.71
CA GLU A 207 33.00 9.48 9.95
C GLU A 207 32.30 10.01 11.19
N ILE A 208 31.74 9.13 12.02
CA ILE A 208 31.09 9.52 13.27
C ILE A 208 31.82 8.78 14.38
N ASN A 209 32.67 9.51 15.12
CA ASN A 209 33.37 8.94 16.27
C ASN A 209 32.82 9.44 17.59
N THR A 210 32.09 10.55 17.59
CA THR A 210 31.56 11.12 18.82
C THR A 210 30.13 11.61 18.55
N LEU A 211 29.37 11.79 19.62
CA LEU A 211 28.05 12.38 19.48
C LEU A 211 28.13 13.79 18.90
N ASP A 212 29.23 14.51 19.17
CA ASP A 212 29.40 15.84 18.62
C ASP A 212 29.50 15.79 17.11
N ASP A 213 29.94 14.67 16.55
CA ASP A 213 29.98 14.54 15.09
C ASP A 213 28.56 14.54 14.50
N ILE A 214 27.58 14.09 15.28
CA ILE A 214 26.20 14.12 14.82
C ILE A 214 25.66 15.54 14.93
N ARG A 215 25.96 16.22 16.04
CA ARG A 215 25.47 17.58 16.23
C ARG A 215 25.93 18.52 15.12
N LYS A 216 27.09 18.25 14.52
CA LYS A 216 27.67 19.16 13.53
C LYS A 216 27.15 18.94 12.12
N LEU A 217 26.38 17.89 11.88
CA LEU A 217 25.87 17.65 10.53
C LEU A 217 24.86 18.72 10.12
N ASP A 218 24.76 18.93 8.82
CA ASP A 218 23.67 19.70 8.22
C ASP A 218 22.63 18.70 7.69
N ARG A 219 21.50 18.58 8.40
CA ARG A 219 20.51 17.55 8.03
C ARG A 219 19.42 18.03 7.10
N PHE A 220 19.32 19.34 6.84
CA PHE A 220 18.17 19.90 6.10
C PHE A 220 18.38 19.79 4.60
N LYS A 221 18.24 18.58 4.11
CA LYS A 221 18.61 18.24 2.74
C LYS A 221 18.18 16.82 2.44
N GLU A 222 18.12 16.49 1.14
CA GLU A 222 18.03 15.11 0.72
C GLU A 222 19.28 14.36 1.18
N PRO A 223 19.14 13.16 1.73
CA PRO A 223 20.32 12.42 2.19
C PRO A 223 21.29 12.21 1.04
N PRO A 224 22.57 12.49 1.24
CA PRO A 224 23.55 12.28 0.15
C PRO A 224 23.76 10.80 -0.12
N ALA A 225 24.45 10.52 -1.22
CA ALA A 225 24.76 9.14 -1.61
C ALA A 225 25.86 8.53 -0.74
N TYR A 226 26.57 9.33 0.04
CA TYR A 226 27.64 8.82 0.89
C TYR A 226 27.87 9.83 2.00
N GLY A 227 28.57 9.40 3.04
CA GLY A 227 28.91 10.28 4.13
C GLY A 227 28.16 9.97 5.41
N PRO A 228 28.41 10.75 6.46
CA PRO A 228 27.84 10.39 7.78
C PRO A 228 26.32 10.41 7.83
N MET A 229 25.67 11.41 7.21
CA MET A 229 24.20 11.40 7.24
C MET A 229 23.66 10.17 6.53
N CYS A 230 24.23 9.84 5.38
CA CYS A 230 23.87 8.60 4.68
C CYS A 230 24.05 7.40 5.58
N ASP A 231 25.20 7.30 6.26
CA ASP A 231 25.51 6.11 7.05
C ASP A 231 24.56 5.96 8.23
N ILE A 232 24.20 7.06 8.88
CA ILE A 232 23.26 7.00 10.00
C ILE A 232 21.97 6.34 9.55
N LEU A 233 21.50 6.69 8.35
CA LEU A 233 20.23 6.16 7.85
C LEU A 233 20.34 4.77 7.23
N TRP A 234 21.52 4.37 6.76
CA TRP A 234 21.63 3.23 5.86
C TRP A 234 22.46 2.05 6.36
N SER A 235 23.28 2.23 7.39
CA SER A 235 24.25 1.18 7.70
C SER A 235 23.61 0.04 8.46
N ASP A 236 24.26 -1.12 8.41
CA ASP A 236 23.82 -2.34 9.07
C ASP A 236 24.95 -2.98 9.86
N PRO A 237 24.63 -3.79 10.87
CA PRO A 237 25.66 -4.69 11.42
C PRO A 237 26.03 -5.73 10.39
N LEU A 238 27.28 -6.21 10.47
CA LEU A 238 27.70 -7.34 9.65
C LEU A 238 26.73 -8.52 9.82
N GLU A 239 26.55 -9.29 8.73
CA GLU A 239 25.85 -10.56 8.82
C GLU A 239 26.40 -11.43 9.95
N ASP A 240 27.72 -11.51 10.10
CA ASP A 240 28.34 -12.29 11.16
C ASP A 240 28.73 -11.43 12.35
N PHE A 241 27.95 -10.38 12.63
CA PHE A 241 28.19 -9.52 13.79
C PHE A 241 28.43 -10.35 15.04
N GLY A 242 29.51 -10.02 15.76
CA GLY A 242 29.86 -10.69 16.98
C GLY A 242 30.69 -11.94 16.80
N ASN A 243 30.80 -12.46 15.58
CA ASN A 243 31.58 -13.64 15.25
C ASN A 243 32.64 -13.30 14.23
N GLU A 244 33.29 -12.14 14.38
CA GLU A 244 34.08 -11.57 13.30
C GLU A 244 35.36 -12.36 13.08
N LYS A 245 35.50 -12.92 11.88
CA LYS A 245 36.82 -13.02 11.25
C LYS A 245 37.14 -11.70 10.57
N THR A 246 36.13 -11.12 9.92
CA THR A 246 36.15 -9.75 9.41
C THR A 246 36.76 -8.76 10.39
N GLN A 247 38.06 -8.51 10.27
CA GLN A 247 38.72 -7.61 11.21
C GLN A 247 38.51 -6.13 10.90
N GLU A 248 37.93 -5.79 9.74
CA GLU A 248 37.71 -4.39 9.40
C GLU A 248 36.44 -3.86 10.09
N HIS A 249 36.57 -2.69 10.72
CA HIS A 249 35.46 -2.11 11.46
C HIS A 249 34.30 -1.77 10.54
N PHE A 250 34.59 -1.15 9.39
CA PHE A 250 33.57 -0.75 8.44
C PHE A 250 33.93 -1.32 7.07
N THR A 251 32.98 -2.04 6.47
CA THR A 251 33.16 -2.63 5.15
C THR A 251 31.97 -2.25 4.29
N HIS A 252 32.20 -2.21 2.98
CA HIS A 252 31.16 -1.79 2.05
C HIS A 252 29.91 -2.66 2.19
N ASN A 253 28.76 -2.01 2.34
CA ASN A 253 27.50 -2.72 2.53
C ASN A 253 26.98 -3.16 1.18
N THR A 254 27.24 -4.43 0.84
CA THR A 254 26.82 -4.96 -0.46
C THR A 254 25.34 -5.22 -0.54
N VAL A 255 24.65 -5.29 0.59
CA VAL A 255 23.20 -5.49 0.55
C VAL A 255 22.49 -4.20 0.14
N ARG A 256 22.92 -3.07 0.70
CA ARG A 256 22.27 -1.80 0.44
C ARG A 256 22.78 -1.14 -0.84
N GLY A 257 23.99 -1.45 -1.27
CA GLY A 257 24.58 -0.75 -2.40
C GLY A 257 25.17 0.59 -2.04
N CYS A 258 25.17 0.95 -0.76
CA CYS A 258 25.77 2.18 -0.27
C CYS A 258 26.08 1.95 1.19
N SER A 259 26.84 2.87 1.78
CA SER A 259 27.17 2.85 3.21
C SER A 259 27.91 1.55 3.55
N TYR A 260 27.82 1.11 4.80
CA TYR A 260 28.74 0.09 5.31
C TYR A 260 28.04 -0.89 6.24
N PHE A 261 28.66 -2.05 6.38
CA PHE A 261 28.47 -2.91 7.53
C PHE A 261 29.40 -2.45 8.65
N TYR A 262 28.89 -2.46 9.88
CA TYR A 262 29.72 -2.20 11.04
C TYR A 262 29.88 -3.48 11.86
N SER A 263 31.06 -3.63 12.44
CA SER A 263 31.40 -4.84 13.18
C SER A 263 31.13 -4.66 14.67
N TYR A 264 31.13 -5.78 15.38
CA TYR A 264 30.99 -5.74 16.83
C TYR A 264 32.10 -4.95 17.50
N PRO A 265 33.37 -5.13 17.15
CA PRO A 265 34.40 -4.25 17.74
C PRO A 265 34.15 -2.77 17.45
N ALA A 266 33.74 -2.44 16.23
CA ALA A 266 33.39 -1.05 15.90
C ALA A 266 32.36 -0.50 16.87
N VAL A 267 31.27 -1.24 17.10
CA VAL A 267 30.23 -0.77 18.00
C VAL A 267 30.75 -0.66 19.43
N CYS A 268 31.49 -1.66 19.90
CA CYS A 268 31.97 -1.63 21.27
C CYS A 268 32.91 -0.46 21.51
N GLU A 269 33.76 -0.15 20.52
CA GLU A 269 34.68 0.96 20.65
C GLU A 269 33.93 2.28 20.73
N PHE A 270 32.93 2.45 19.86
CA PHE A 270 32.10 3.66 19.91
C PHE A 270 31.41 3.81 21.26
N LEU A 271 30.84 2.72 21.77
CA LEU A 271 30.12 2.80 23.04
C LEU A 271 31.06 3.22 24.17
N GLN A 272 32.23 2.61 24.24
CA GLN A 272 33.17 2.92 25.32
C GLN A 272 33.66 4.35 25.22
N HIS A 273 34.03 4.79 24.01
CA HIS A 273 34.56 6.14 23.83
C HIS A 273 33.53 7.20 24.17
N ASN A 274 32.24 6.93 23.94
CA ASN A 274 31.18 7.90 24.17
C ASN A 274 30.39 7.62 25.42
N ASN A 275 30.82 6.62 26.22
CA ASN A 275 30.17 6.33 27.50
C ASN A 275 28.70 5.95 27.32
N LEU A 276 28.42 5.13 26.30
CA LEU A 276 27.06 4.68 26.01
C LEU A 276 26.92 3.20 26.36
N LEU A 277 25.68 2.82 26.63
CA LEU A 277 25.31 1.46 26.98
C LEU A 277 24.96 0.61 25.76
N SER A 278 24.29 1.18 24.77
CA SER A 278 23.87 0.38 23.62
C SER A 278 23.42 1.32 22.50
N ILE A 279 23.40 0.76 21.30
CA ILE A 279 22.83 1.42 20.14
CA ILE A 279 22.84 1.42 20.14
C ILE A 279 21.48 0.77 19.86
N LEU A 280 20.43 1.58 19.80
CA LEU A 280 19.09 1.13 19.43
C LEU A 280 18.80 1.57 18.00
N ARG A 281 18.42 0.63 17.14
CA ARG A 281 18.21 0.94 15.75
C ARG A 281 17.13 0.03 15.18
N ALA A 282 16.82 0.24 13.90
CA ALA A 282 15.75 -0.48 13.22
C ALA A 282 16.29 -1.04 11.91
N HIS A 283 15.57 -0.81 10.81
CA HIS A 283 16.15 -0.90 9.48
C HIS A 283 16.26 -2.32 8.91
N GLU A 284 16.25 -3.35 9.77
CA GLU A 284 16.29 -4.74 9.29
C GLU A 284 15.14 -5.54 9.91
N ALA A 285 14.31 -6.15 9.07
CA ALA A 285 13.21 -6.96 9.57
C ALA A 285 13.71 -8.11 10.44
N GLN A 286 12.92 -8.43 11.47
CA GLN A 286 13.24 -9.51 12.39
C GLN A 286 11.99 -10.36 12.59
N ASP A 287 12.18 -11.69 12.60
CA ASP A 287 11.04 -12.59 12.76
C ASP A 287 10.27 -12.32 14.04
N ALA A 288 10.97 -11.95 15.11
CA ALA A 288 10.33 -11.70 16.40
C ALA A 288 9.97 -10.21 16.60
N GLY A 289 10.34 -9.35 15.68
CA GLY A 289 10.19 -7.91 15.86
C GLY A 289 11.32 -7.22 16.59
N TYR A 290 12.34 -7.95 17.00
CA TYR A 290 13.48 -7.39 17.71
C TYR A 290 14.64 -8.39 17.58
N ARG A 291 15.85 -7.88 17.79
CA ARG A 291 17.04 -8.71 17.95
C ARG A 291 17.95 -8.06 18.98
N MET A 292 18.41 -8.87 19.93
CA MET A 292 19.41 -8.47 20.92
C MET A 292 20.75 -9.05 20.48
N TYR A 293 21.74 -8.18 20.25
CA TYR A 293 23.01 -8.62 19.73
C TYR A 293 23.99 -8.86 20.87
N ARG A 294 25.15 -9.42 20.51
CA ARG A 294 26.15 -9.83 21.47
C ARG A 294 26.46 -8.74 22.48
N LYS A 295 26.46 -9.14 23.76
CA LYS A 295 26.81 -8.21 24.83
C LYS A 295 28.21 -7.66 24.64
N SER A 296 28.38 -6.38 24.97
CA SER A 296 29.72 -5.81 25.02
C SER A 296 30.45 -6.38 26.23
N GLN A 297 31.69 -6.80 26.02
CA GLN A 297 32.46 -7.40 27.10
C GLN A 297 32.67 -6.42 28.25
N THR A 298 32.58 -5.11 27.99
CA THR A 298 32.80 -4.13 29.03
C THR A 298 31.53 -3.65 29.73
N THR A 299 30.35 -3.91 29.16
CA THR A 299 29.11 -3.47 29.77
C THR A 299 28.26 -4.61 30.31
N GLY A 300 28.39 -5.82 29.76
CA GLY A 300 27.44 -6.87 30.10
C GLY A 300 26.05 -6.65 29.54
N PHE A 301 25.90 -5.75 28.58
CA PHE A 301 24.62 -5.41 27.97
C PHE A 301 24.72 -5.58 26.46
N PRO A 302 23.63 -5.98 25.79
CA PRO A 302 23.69 -6.07 24.34
C PRO A 302 24.28 -4.80 23.73
N SER A 303 25.24 -4.97 22.83
CA SER A 303 25.91 -3.83 22.22
C SER A 303 25.02 -3.14 21.19
N LEU A 304 24.06 -3.86 20.65
CA LEU A 304 23.20 -3.42 19.57
C LEU A 304 21.85 -4.06 19.79
N ILE A 305 20.79 -3.32 19.46
CA ILE A 305 19.42 -3.81 19.50
C ILE A 305 18.72 -3.30 18.25
N THR A 306 18.11 -4.22 17.51
CA THR A 306 17.25 -3.87 16.40
C THR A 306 15.79 -3.98 16.85
N ILE A 307 15.00 -2.97 16.51
CA ILE A 307 13.56 -2.97 16.78
C ILE A 307 12.85 -2.76 15.45
N PHE A 308 11.79 -3.54 15.22
CA PHE A 308 11.08 -3.57 13.94
C PHE A 308 9.59 -3.66 14.24
N SER A 309 8.82 -2.64 13.83
CA SER A 309 7.44 -2.51 14.34
C SER A 309 6.39 -2.75 13.26
N ALA A 310 6.77 -3.41 12.17
CA ALA A 310 5.85 -3.70 11.07
C ALA A 310 5.52 -5.19 11.07
N PRO A 311 4.41 -5.61 11.66
CA PRO A 311 4.10 -7.05 11.72
C PRO A 311 3.62 -7.53 10.36
N ASN A 312 3.82 -8.82 10.11
CA ASN A 312 3.51 -9.46 8.83
C ASN A 312 3.92 -8.55 7.69
N TYR A 313 5.19 -8.14 7.75
CA TYR A 313 5.78 -7.22 6.80
C TYR A 313 5.51 -7.63 5.37
N LEU A 314 5.05 -6.66 4.58
CA LEU A 314 4.74 -6.86 3.18
C LEU A 314 3.60 -7.86 2.96
N ASP A 315 2.81 -8.11 4.00
CA ASP A 315 1.74 -9.10 4.02
C ASP A 315 2.24 -10.54 3.82
N VAL A 316 3.54 -10.80 3.93
CA VAL A 316 4.04 -12.14 3.65
C VAL A 316 5.08 -12.65 4.64
N TYR A 317 5.78 -11.75 5.33
CA TYR A 317 6.89 -12.19 6.19
C TYR A 317 6.39 -13.04 7.35
N ASN A 318 5.18 -12.79 7.83
CA ASN A 318 4.60 -13.51 8.97
C ASN A 318 5.35 -13.26 10.27
N ASN A 319 6.03 -12.14 10.37
CA ASN A 319 6.81 -11.80 11.55
C ASN A 319 5.95 -11.10 12.60
N LYS A 320 6.37 -11.22 13.86
CA LYS A 320 5.85 -10.32 14.88
C LYS A 320 6.51 -8.94 14.74
N ALA A 321 5.84 -7.94 15.27
CA ALA A 321 6.41 -6.61 15.50
C ALA A 321 6.69 -6.45 16.99
N ALA A 322 7.55 -5.49 17.31
CA ALA A 322 7.75 -5.16 18.71
C ALA A 322 8.02 -3.67 18.86
N VAL A 323 7.79 -3.18 20.07
CA VAL A 323 8.29 -1.91 20.55
C VAL A 323 9.03 -2.16 21.86
N LEU A 324 9.89 -1.22 22.20
CA LEU A 324 10.69 -1.27 23.44
C LEU A 324 10.20 -0.18 24.39
N LYS A 325 9.57 -0.58 25.48
CA LYS A 325 9.19 0.36 26.54
C LYS A 325 10.28 0.35 27.60
N TYR A 326 11.03 1.46 27.69
CA TYR A 326 12.09 1.62 28.68
C TYR A 326 11.55 2.47 29.81
N GLU A 327 11.41 1.87 30.98
CA GLU A 327 10.74 2.51 32.12
C GLU A 327 11.16 1.79 33.40
N ASN A 328 11.42 2.55 34.46
CA ASN A 328 11.78 1.99 35.77
C ASN A 328 12.96 1.03 35.66
N ASN A 329 13.97 1.43 34.89
CA ASN A 329 15.17 0.63 34.68
C ASN A 329 14.84 -0.78 34.19
N VAL A 330 13.77 -0.91 33.43
CA VAL A 330 13.41 -2.17 32.77
C VAL A 330 13.26 -1.90 31.28
N MET A 331 13.84 -2.77 30.47
CA MET A 331 13.69 -2.73 29.02
C MET A 331 12.68 -3.81 28.64
N ASN A 332 11.44 -3.39 28.42
CA ASN A 332 10.31 -4.29 28.23
C ASN A 332 10.00 -4.38 26.74
N ILE A 333 10.29 -5.54 26.15
CA ILE A 333 9.92 -5.83 24.77
C ILE A 333 8.46 -6.20 24.73
N ARG A 334 7.66 -5.48 23.94
CA ARG A 334 6.25 -5.79 23.75
C ARG A 334 6.02 -6.18 22.30
N GLN A 335 5.70 -7.43 22.07
CA GLN A 335 5.42 -7.89 20.72
C GLN A 335 3.94 -7.75 20.39
N PHE A 336 3.64 -7.68 19.08
CA PHE A 336 2.25 -7.74 18.65
C PHE A 336 2.17 -8.34 17.25
N ASN A 337 1.02 -8.95 16.98
CA ASN A 337 0.67 -9.55 15.70
C ASN A 337 0.07 -8.50 14.77
N CYS A 338 -0.03 -8.87 13.48
CA CYS A 338 -0.65 -8.00 12.49
C CYS A 338 -2.15 -7.92 12.69
N SER A 339 -2.74 -6.87 12.12
CA SER A 339 -4.16 -6.58 12.16
C SER A 339 -4.70 -6.50 10.72
N PRO A 340 -5.99 -6.80 10.53
CA PRO A 340 -6.57 -6.68 9.18
C PRO A 340 -6.44 -5.26 8.65
N HIS A 341 -6.36 -5.15 7.33
CA HIS A 341 -6.36 -3.86 6.66
C HIS A 341 -7.12 -4.01 5.35
N PRO A 342 -7.62 -2.90 4.81
CA PRO A 342 -8.34 -2.97 3.52
C PRO A 342 -7.38 -3.32 2.40
N TYR A 343 -7.95 -3.89 1.34
CA TYR A 343 -7.14 -4.41 0.25
C TYR A 343 -6.95 -3.37 -0.84
N TRP A 344 -5.76 -3.38 -1.47
CA TRP A 344 -5.42 -2.61 -2.63
C TRP A 344 -4.77 -3.57 -3.61
N LEU A 345 -5.08 -3.44 -4.91
CA LEU A 345 -4.30 -4.15 -5.92
C LEU A 345 -2.89 -3.54 -5.98
N PRO A 346 -1.90 -4.34 -6.39
CA PRO A 346 -0.53 -3.79 -6.49
C PRO A 346 -0.49 -2.51 -7.30
N ASN A 347 0.29 -1.55 -6.79
CA ASN A 347 0.50 -0.26 -7.47
C ASN A 347 -0.78 0.55 -7.60
N PHE A 348 -1.72 0.35 -6.66
CA PHE A 348 -2.95 1.13 -6.62
C PHE A 348 -3.73 1.03 -7.95
N MET A 349 -3.60 -0.11 -8.63
CA MET A 349 -4.31 -0.33 -9.88
C MET A 349 -5.81 -0.46 -9.64
N ASP A 350 -6.60 0.16 -10.53
CA ASP A 350 -8.06 0.06 -10.42
C ASP A 350 -8.53 -1.24 -11.07
N VAL A 351 -9.77 -1.63 -10.77
CA VAL A 351 -10.25 -2.94 -11.20
C VAL A 351 -10.47 -3.00 -12.71
N PHE A 352 -10.74 -1.86 -13.35
CA PHE A 352 -10.91 -1.86 -14.81
C PHE A 352 -9.58 -2.12 -15.50
N THR A 353 -8.56 -1.34 -15.17
CA THR A 353 -7.22 -1.58 -15.70
C THR A 353 -6.78 -3.01 -15.43
N TRP A 354 -7.13 -3.53 -14.25
CA TRP A 354 -6.73 -4.89 -13.88
C TRP A 354 -7.45 -5.93 -14.74
N SER A 355 -8.76 -5.77 -14.93
CA SER A 355 -9.58 -6.84 -15.51
C SER A 355 -9.78 -6.73 -17.02
N LEU A 356 -9.71 -5.52 -17.58
CA LEU A 356 -10.03 -5.36 -18.99
C LEU A 356 -9.17 -6.21 -19.92
N PRO A 357 -7.85 -6.36 -19.68
CA PRO A 357 -7.08 -7.28 -20.54
C PRO A 357 -7.64 -8.69 -20.57
N PHE A 358 -8.05 -9.20 -19.41
CA PHE A 358 -8.64 -10.52 -19.32
C PHE A 358 -9.99 -10.57 -20.02
N VAL A 359 -10.80 -9.53 -19.87
CA VAL A 359 -12.09 -9.49 -20.57
C VAL A 359 -11.89 -9.58 -22.08
N GLY A 360 -11.02 -8.72 -22.62
CA GLY A 360 -10.78 -8.74 -24.05
C GLY A 360 -10.21 -10.07 -24.52
N GLU A 361 -9.39 -10.70 -23.69
CA GLU A 361 -8.82 -11.99 -24.04
C GLU A 361 -9.90 -13.05 -24.10
N LYS A 362 -10.75 -13.11 -23.06
CA LYS A 362 -11.69 -14.22 -22.95
C LYS A 362 -12.91 -14.06 -23.86
N VAL A 363 -13.36 -12.82 -24.12
CA VAL A 363 -14.48 -12.65 -25.06
C VAL A 363 -14.04 -13.00 -26.48
N THR A 364 -12.82 -12.60 -26.84
CA THR A 364 -12.26 -12.95 -28.15
C THR A 364 -12.09 -14.45 -28.27
N GLU A 365 -11.59 -15.09 -27.21
CA GLU A 365 -11.42 -16.55 -27.24
C GLU A 365 -12.74 -17.24 -27.47
N MET A 366 -13.80 -16.82 -26.78
CA MET A 366 -15.11 -17.41 -26.99
C MET A 366 -15.55 -17.28 -28.44
N LEU A 367 -15.46 -16.06 -28.98
CA LEU A 367 -15.89 -15.82 -30.35
C LEU A 367 -15.14 -16.71 -31.34
N VAL A 368 -13.83 -16.84 -31.18
CA VAL A 368 -13.05 -17.71 -32.05
C VAL A 368 -13.58 -19.13 -31.98
N ASN A 369 -13.88 -19.61 -30.76
CA ASN A 369 -14.37 -20.96 -30.60
C ASN A 369 -15.80 -21.11 -31.10
N VAL A 370 -16.64 -20.10 -30.87
CA VAL A 370 -18.01 -20.15 -31.37
C VAL A 370 -18.02 -20.28 -32.88
N LEU A 371 -17.11 -19.59 -33.56
CA LEU A 371 -17.10 -19.56 -35.01
C LEU A 371 -16.34 -20.74 -35.62
N ASN A 372 -15.35 -21.28 -34.92
CA ASN A 372 -14.48 -22.32 -35.46
C ASN A 372 -14.10 -22.01 -36.91
N MET B 1 -22.70 -7.22 -43.80
CA MET B 1 -21.27 -7.52 -43.93
C MET B 1 -21.00 -8.21 -45.26
N ASP B 2 -19.89 -8.93 -45.36
CA ASP B 2 -19.50 -9.58 -46.61
C ASP B 2 -20.35 -10.83 -46.87
N ALA B 3 -20.69 -11.04 -48.14
CA ALA B 3 -21.65 -12.08 -48.51
C ALA B 3 -21.15 -13.46 -48.09
N ASP B 4 -19.90 -13.80 -48.43
CA ASP B 4 -19.38 -15.12 -48.08
C ASP B 4 -19.31 -15.31 -46.58
N GLU B 5 -19.12 -14.21 -45.83
CA GLU B 5 -19.15 -14.30 -44.37
C GLU B 5 -20.54 -14.62 -43.86
N ILE B 6 -21.56 -13.98 -44.45
CA ILE B 6 -22.95 -14.26 -44.05
C ILE B 6 -23.26 -15.74 -44.28
N LYS B 7 -22.81 -16.30 -45.40
CA LYS B 7 -23.07 -17.70 -45.67
C LYS B 7 -22.40 -18.60 -44.64
N ARG B 8 -21.15 -18.31 -44.28
CA ARG B 8 -20.45 -19.14 -43.31
C ARG B 8 -21.10 -19.05 -41.94
N LEU B 9 -21.58 -17.86 -41.56
CA LEU B 9 -22.23 -17.70 -40.27
C LEU B 9 -23.57 -18.44 -40.22
N GLY B 10 -24.29 -18.47 -41.33
CA GLY B 10 -25.51 -19.27 -41.37
C GLY B 10 -25.24 -20.73 -41.08
N LYS B 11 -24.21 -21.30 -41.71
CA LYS B 11 -23.88 -22.70 -41.51
C LYS B 11 -23.43 -22.96 -40.08
N ARG B 12 -22.64 -22.04 -39.51
CA ARG B 12 -22.19 -22.23 -38.13
C ARG B 12 -23.34 -22.11 -37.15
N PHE B 13 -24.22 -21.13 -37.36
CA PHE B 13 -25.40 -20.99 -36.51
C PHE B 13 -26.19 -22.30 -36.46
N LYS B 14 -26.45 -22.89 -37.63
CA LYS B 14 -27.21 -24.13 -37.66
C LYS B 14 -26.51 -25.25 -36.90
N LYS B 15 -25.19 -25.33 -37.01
CA LYS B 15 -24.47 -26.39 -36.29
C LYS B 15 -24.58 -26.20 -34.78
N LEU B 16 -24.56 -24.95 -34.31
CA LEU B 16 -24.70 -24.71 -32.88
C LEU B 16 -26.14 -24.89 -32.38
N ASP B 17 -27.13 -24.79 -33.28
CA ASP B 17 -28.54 -24.84 -32.92
C ASP B 17 -28.96 -26.30 -32.83
N LEU B 18 -28.57 -26.93 -31.72
CA LEU B 18 -28.65 -28.39 -31.62
C LEU B 18 -30.08 -28.89 -31.81
N ASP B 19 -31.08 -28.18 -31.28
CA ASP B 19 -32.45 -28.62 -31.40
C ASP B 19 -33.18 -28.00 -32.59
N ASN B 20 -32.46 -27.30 -33.45
CA ASN B 20 -33.02 -26.75 -34.68
C ASN B 20 -34.25 -25.90 -34.40
N SER B 21 -34.18 -25.10 -33.34
CA SER B 21 -35.27 -24.20 -32.99
C SER B 21 -35.16 -22.83 -33.64
N GLY B 22 -34.07 -22.53 -34.33
CA GLY B 22 -33.84 -21.23 -34.89
C GLY B 22 -33.24 -20.22 -33.94
N SER B 23 -33.00 -20.61 -32.69
CA SER B 23 -32.36 -19.74 -31.71
C SER B 23 -31.40 -20.56 -30.85
N LEU B 24 -30.34 -19.89 -30.39
CA LEU B 24 -29.28 -20.52 -29.62
C LEU B 24 -29.52 -20.30 -28.13
N SER B 25 -29.62 -21.39 -27.38
CA SER B 25 -29.81 -21.31 -25.94
C SER B 25 -28.45 -21.32 -25.25
N VAL B 26 -28.47 -21.06 -23.94
CA VAL B 26 -27.24 -21.11 -23.16
C VAL B 26 -26.68 -22.53 -23.16
N GLU B 27 -27.55 -23.53 -22.97
CA GLU B 27 -27.10 -24.92 -23.00
C GLU B 27 -26.37 -25.23 -24.31
N GLU B 28 -26.87 -24.67 -25.42
CA GLU B 28 -26.28 -24.95 -26.72
C GLU B 28 -24.89 -24.32 -26.85
N PHE B 29 -24.73 -23.09 -26.33
CA PHE B 29 -23.39 -22.51 -26.28
C PHE B 29 -22.49 -23.35 -25.39
N MET B 30 -22.99 -23.75 -24.22
CA MET B 30 -22.19 -24.51 -23.26
C MET B 30 -21.87 -25.92 -23.74
N SER B 31 -22.46 -26.37 -24.83
CA SER B 31 -22.08 -27.65 -25.41
C SER B 31 -20.67 -27.63 -25.96
N LEU B 32 -20.15 -26.45 -26.28
CA LEU B 32 -18.77 -26.34 -26.77
C LEU B 32 -17.82 -26.50 -25.59
N PRO B 33 -16.93 -27.50 -25.61
CA PRO B 33 -16.11 -27.76 -24.40
C PRO B 33 -15.27 -26.57 -23.97
N GLU B 34 -14.66 -25.85 -24.93
CA GLU B 34 -13.81 -24.72 -24.58
C GLU B 34 -14.58 -23.52 -24.05
N LEU B 35 -15.90 -23.48 -24.21
CA LEU B 35 -16.72 -22.44 -23.59
C LEU B 35 -17.12 -22.79 -22.16
N GLN B 36 -17.05 -24.07 -21.78
CA GLN B 36 -17.52 -24.48 -20.47
C GLN B 36 -16.67 -23.91 -19.34
N GLN B 37 -15.39 -23.62 -19.61
CA GLN B 37 -14.50 -23.07 -18.59
C GLN B 37 -14.15 -21.61 -18.82
N ASN B 38 -14.84 -20.94 -19.73
CA ASN B 38 -14.65 -19.50 -19.95
C ASN B 38 -15.65 -18.75 -19.07
N PRO B 39 -15.20 -18.01 -18.06
CA PRO B 39 -16.16 -17.45 -17.09
C PRO B 39 -17.01 -16.29 -17.61
N LEU B 40 -16.79 -15.80 -18.82
CA LEU B 40 -17.57 -14.69 -19.36
C LEU B 40 -18.56 -15.10 -20.43
N VAL B 41 -18.80 -16.40 -20.61
CA VAL B 41 -19.70 -16.84 -21.67
C VAL B 41 -21.10 -16.27 -21.46
N GLN B 42 -21.63 -16.39 -20.24
CA GLN B 42 -22.99 -15.92 -19.99
C GLN B 42 -23.11 -14.42 -20.18
N ARG B 43 -22.04 -13.66 -19.89
CA ARG B 43 -22.05 -12.23 -20.13
C ARG B 43 -22.12 -11.93 -21.62
N VAL B 44 -21.32 -12.63 -22.43
CA VAL B 44 -21.33 -12.39 -23.87
C VAL B 44 -22.70 -12.74 -24.46
N ILE B 45 -23.25 -13.89 -24.06
CA ILE B 45 -24.58 -14.29 -24.52
C ILE B 45 -25.61 -13.22 -24.17
N ASP B 46 -25.57 -12.73 -22.93
CA ASP B 46 -26.52 -11.69 -22.52
C ASP B 46 -26.39 -10.45 -23.38
N ILE B 47 -25.17 -10.06 -23.76
CA ILE B 47 -24.99 -8.89 -24.61
C ILE B 47 -25.55 -9.14 -26.00
N PHE B 48 -25.28 -10.30 -26.59
CA PHE B 48 -25.86 -10.64 -27.89
C PHE B 48 -27.38 -10.63 -27.85
N ASP B 49 -27.96 -11.04 -26.72
CA ASP B 49 -29.41 -11.18 -26.58
C ASP B 49 -30.05 -9.81 -26.33
N THR B 50 -30.11 -9.03 -27.41
CA THR B 50 -30.58 -7.65 -27.30
C THR B 50 -32.07 -7.53 -26.96
N ASP B 51 -32.88 -8.54 -27.24
CA ASP B 51 -34.31 -8.47 -26.92
C ASP B 51 -34.64 -9.16 -25.59
N GLY B 52 -33.64 -9.73 -24.91
CA GLY B 52 -33.82 -10.21 -23.55
C GLY B 52 -34.65 -11.45 -23.38
N ASN B 53 -34.85 -12.22 -24.44
CA ASN B 53 -35.66 -13.44 -24.33
C ASN B 53 -34.84 -14.64 -23.93
N GLY B 54 -33.57 -14.45 -23.57
CA GLY B 54 -32.73 -15.51 -23.06
C GLY B 54 -31.98 -16.31 -24.10
N GLU B 55 -32.27 -16.11 -25.38
CA GLU B 55 -31.63 -16.86 -26.45
C GLU B 55 -31.13 -15.90 -27.51
N VAL B 56 -30.26 -16.41 -28.38
CA VAL B 56 -29.66 -15.63 -29.45
C VAL B 56 -30.24 -16.13 -30.76
N ASP B 57 -31.02 -15.28 -31.44
CA ASP B 57 -31.51 -15.60 -32.78
C ASP B 57 -30.45 -15.20 -33.80
N PHE B 58 -30.71 -15.47 -35.08
CA PHE B 58 -29.66 -15.25 -36.07
C PHE B 58 -29.33 -13.77 -36.23
N LYS B 59 -30.35 -12.91 -36.22
CA LYS B 59 -30.08 -11.47 -36.30
C LYS B 59 -29.15 -11.03 -35.18
N GLU B 60 -29.49 -11.40 -33.93
CA GLU B 60 -28.62 -11.10 -32.79
C GLU B 60 -27.22 -11.69 -33.00
N PHE B 61 -27.15 -12.91 -33.53
CA PHE B 61 -25.86 -13.56 -33.75
C PHE B 61 -24.98 -12.76 -34.70
N ILE B 62 -25.55 -12.30 -35.81
CA ILE B 62 -24.77 -11.55 -36.79
C ILE B 62 -24.33 -10.21 -36.21
N GLU B 63 -25.25 -9.47 -35.61
CA GLU B 63 -24.90 -8.15 -35.06
C GLU B 63 -23.86 -8.30 -33.94
N GLY B 64 -23.98 -9.35 -33.13
CA GLY B 64 -23.00 -9.58 -32.08
C GLY B 64 -21.62 -9.86 -32.64
N VAL B 65 -21.55 -10.78 -33.60
CA VAL B 65 -20.26 -11.10 -34.21
C VAL B 65 -19.67 -9.90 -34.94
N SER B 66 -20.52 -9.02 -35.48
CA SER B 66 -20.03 -7.89 -36.27
C SER B 66 -19.23 -6.90 -35.44
N GLN B 67 -19.49 -6.82 -34.13
CA GLN B 67 -18.75 -5.90 -33.28
CA GLN B 67 -18.74 -5.90 -33.28
C GLN B 67 -17.28 -6.27 -33.18
N PHE B 68 -16.90 -7.50 -33.53
CA PHE B 68 -15.52 -7.94 -33.50
C PHE B 68 -14.86 -7.88 -34.87
N SER B 69 -15.41 -7.10 -35.79
CA SER B 69 -14.85 -6.99 -37.14
C SER B 69 -13.58 -6.13 -37.11
N VAL B 70 -12.69 -6.41 -38.07
CA VAL B 70 -11.46 -5.62 -38.20
C VAL B 70 -11.79 -4.16 -38.45
N LYS B 71 -12.90 -3.88 -39.14
CA LYS B 71 -13.28 -2.53 -39.49
C LYS B 71 -13.91 -1.76 -38.33
N GLY B 72 -14.27 -2.42 -37.24
CA GLY B 72 -14.83 -1.72 -36.10
C GLY B 72 -13.80 -0.80 -35.47
N ASP B 73 -14.29 0.34 -34.98
CA ASP B 73 -13.40 1.35 -34.42
C ASP B 73 -13.20 1.12 -32.93
N LYS B 74 -12.35 1.94 -32.31
CA LYS B 74 -12.03 1.77 -30.90
C LYS B 74 -13.28 1.86 -30.03
N GLU B 75 -14.10 2.89 -30.24
CA GLU B 75 -15.30 3.06 -29.43
C GLU B 75 -16.19 1.83 -29.49
N GLN B 76 -16.30 1.20 -30.67
CA GLN B 76 -17.14 0.02 -30.80
C GLN B 76 -16.62 -1.12 -29.94
N LYS B 77 -15.30 -1.36 -29.97
CA LYS B 77 -14.72 -2.42 -29.15
C LYS B 77 -14.86 -2.09 -27.66
N LEU B 78 -14.45 -0.88 -27.26
CA LEU B 78 -14.50 -0.52 -25.85
C LEU B 78 -15.93 -0.52 -25.33
N ARG B 79 -16.91 -0.25 -26.19
CA ARG B 79 -18.29 -0.26 -25.71
C ARG B 79 -18.78 -1.70 -25.50
N PHE B 80 -18.27 -2.67 -26.26
CA PHE B 80 -18.58 -4.06 -25.96
C PHE B 80 -18.03 -4.45 -24.59
N ALA B 81 -16.75 -4.10 -24.32
CA ALA B 81 -16.15 -4.38 -23.02
C ALA B 81 -16.93 -3.71 -21.91
N PHE B 82 -17.34 -2.45 -22.11
CA PHE B 82 -18.18 -1.78 -21.15
C PHE B 82 -19.43 -2.58 -20.86
N ARG B 83 -20.09 -3.11 -21.90
CA ARG B 83 -21.31 -3.86 -21.71
C ARG B 83 -21.09 -5.18 -20.98
N ILE B 84 -19.87 -5.71 -20.97
CA ILE B 84 -19.57 -6.88 -20.15
C ILE B 84 -19.83 -6.58 -18.68
N TYR B 85 -19.42 -5.39 -18.22
CA TYR B 85 -19.60 -5.04 -16.83
C TYR B 85 -21.01 -4.57 -16.52
N ASP B 86 -21.67 -3.92 -17.50
CA ASP B 86 -22.96 -3.28 -17.27
C ASP B 86 -24.09 -4.32 -17.39
N MET B 87 -24.17 -5.16 -16.36
CA MET B 87 -25.11 -6.28 -16.38
C MET B 87 -26.53 -5.83 -16.65
N ASP B 88 -26.97 -4.72 -16.04
CA ASP B 88 -28.38 -4.34 -16.14
C ASP B 88 -28.67 -3.47 -17.36
N LYS B 89 -27.67 -3.17 -18.18
CA LYS B 89 -27.89 -2.52 -19.47
C LYS B 89 -28.50 -1.15 -19.34
N ASP B 90 -28.21 -0.43 -18.24
CA ASP B 90 -28.72 0.92 -18.10
C ASP B 90 -27.73 1.96 -18.58
N GLY B 91 -26.57 1.55 -19.08
CA GLY B 91 -25.58 2.49 -19.56
C GLY B 91 -24.59 2.96 -18.51
N TYR B 92 -24.63 2.38 -17.31
CA TYR B 92 -23.73 2.77 -16.21
C TYR B 92 -23.30 1.51 -15.46
N ILE B 93 -22.04 1.42 -15.14
CA ILE B 93 -21.52 0.32 -14.32
C ILE B 93 -21.72 0.70 -12.86
N SER B 94 -22.57 -0.04 -12.16
CA SER B 94 -22.81 0.19 -10.75
C SER B 94 -22.01 -0.80 -9.89
N ASN B 95 -21.97 -0.50 -8.59
CA ASN B 95 -21.15 -1.27 -7.66
C ASN B 95 -21.49 -2.75 -7.70
N GLY B 96 -22.77 -3.09 -7.53
CA GLY B 96 -23.16 -4.48 -7.42
C GLY B 96 -22.77 -5.32 -8.62
N GLU B 97 -23.03 -4.79 -9.83
CA GLU B 97 -22.71 -5.56 -11.03
C GLU B 97 -21.21 -5.60 -11.31
N LEU B 98 -20.48 -4.54 -10.94
CA LEU B 98 -19.03 -4.58 -11.08
C LEU B 98 -18.42 -5.68 -10.21
N PHE B 99 -18.90 -5.80 -8.97
CA PHE B 99 -18.45 -6.88 -8.11
C PHE B 99 -18.81 -8.23 -8.72
N GLN B 100 -20.05 -8.40 -9.14
CA GLN B 100 -20.51 -9.70 -9.64
C GLN B 100 -19.69 -10.15 -10.84
N VAL B 101 -19.49 -9.25 -11.81
CA VAL B 101 -18.74 -9.63 -13.01
C VAL B 101 -17.27 -9.89 -12.70
N LEU B 102 -16.65 -9.08 -11.84
CA LEU B 102 -15.28 -9.38 -11.42
C LEU B 102 -15.21 -10.71 -10.68
N LYS B 103 -16.22 -11.00 -9.85
CA LYS B 103 -16.23 -12.25 -9.11
C LYS B 103 -16.26 -13.45 -10.05
N MET B 104 -16.98 -13.32 -11.18
CA MET B 104 -16.99 -14.37 -12.19
C MET B 104 -15.58 -14.63 -12.71
N MET B 105 -14.83 -13.55 -12.96
CA MET B 105 -13.52 -13.69 -13.57
C MET B 105 -12.46 -14.18 -12.58
N VAL B 106 -12.56 -13.77 -11.32
CA VAL B 106 -11.48 -14.06 -10.37
C VAL B 106 -11.72 -15.32 -9.56
N GLY B 107 -12.98 -15.76 -9.45
CA GLY B 107 -13.30 -16.91 -8.64
C GLY B 107 -12.79 -16.79 -7.22
N ASN B 108 -11.92 -17.71 -6.82
CA ASN B 108 -11.40 -17.76 -5.46
C ASN B 108 -10.04 -17.10 -5.31
N ASN B 109 -9.51 -16.47 -6.36
CA ASN B 109 -8.24 -15.78 -6.24
C ASN B 109 -8.31 -14.55 -5.35
N LEU B 110 -9.51 -14.06 -5.03
CA LEU B 110 -9.69 -13.00 -4.06
C LEU B 110 -10.89 -13.33 -3.18
N LYS B 111 -10.79 -12.94 -1.92
CA LYS B 111 -11.94 -13.07 -1.01
C LYS B 111 -12.96 -11.96 -1.29
N ASP B 112 -14.21 -12.26 -1.00
CA ASP B 112 -15.30 -11.31 -1.23
C ASP B 112 -15.03 -9.97 -0.56
N THR B 113 -14.43 -9.98 0.62
CA THR B 113 -14.14 -8.73 1.31
C THR B 113 -13.12 -7.91 0.53
N GLN B 114 -12.04 -8.55 0.09
CA GLN B 114 -11.01 -7.84 -0.66
C GLN B 114 -11.58 -7.29 -1.96
N LEU B 115 -12.38 -8.09 -2.66
CA LEU B 115 -12.93 -7.64 -3.94
C LEU B 115 -13.87 -6.46 -3.75
N GLN B 116 -14.71 -6.49 -2.71
CA GLN B 116 -15.64 -5.38 -2.49
C GLN B 116 -14.86 -4.11 -2.18
N GLN B 117 -13.73 -4.24 -1.46
CA GLN B 117 -12.93 -3.06 -1.13
C GLN B 117 -12.35 -2.40 -2.37
N ILE B 118 -11.78 -3.19 -3.28
CA ILE B 118 -11.19 -2.55 -4.47
C ILE B 118 -12.26 -2.09 -5.45
N VAL B 119 -13.41 -2.75 -5.48
CA VAL B 119 -14.55 -2.25 -6.26
C VAL B 119 -14.99 -0.90 -5.72
N ASP B 120 -15.15 -0.79 -4.40
CA ASP B 120 -15.52 0.49 -3.80
C ASP B 120 -14.54 1.61 -4.23
N LYS B 121 -13.25 1.33 -4.13
CA LYS B 121 -12.27 2.37 -4.39
C LYS B 121 -12.28 2.76 -5.87
N THR B 122 -12.49 1.81 -6.76
CA THR B 122 -12.57 2.14 -8.19
C THR B 122 -13.80 2.98 -8.47
N ILE B 123 -14.94 2.66 -7.85
CA ILE B 123 -16.15 3.47 -8.04
C ILE B 123 -15.89 4.90 -7.60
N ILE B 124 -15.30 5.07 -6.42
CA ILE B 124 -15.07 6.41 -5.88
C ILE B 124 -14.09 7.21 -6.75
N ASN B 125 -12.95 6.60 -7.10
CA ASN B 125 -11.92 7.30 -7.84
C ASN B 125 -12.32 7.56 -9.30
N ALA B 126 -13.14 6.70 -9.90
CA ALA B 126 -13.49 6.84 -11.31
C ALA B 126 -14.77 7.64 -11.54
N ASP B 127 -15.62 7.77 -10.52
CA ASP B 127 -16.85 8.54 -10.62
C ASP B 127 -16.50 10.04 -10.59
N LYS B 128 -16.76 10.73 -11.69
CA LYS B 128 -16.41 12.15 -11.79
C LYS B 128 -17.61 13.09 -11.73
N ASP B 129 -18.83 12.60 -11.97
CA ASP B 129 -20.00 13.46 -11.90
C ASP B 129 -20.82 13.22 -10.65
N GLY B 130 -20.41 12.29 -9.79
CA GLY B 130 -20.99 12.14 -8.47
C GLY B 130 -22.25 11.32 -8.38
N ASP B 131 -22.73 10.73 -9.48
CA ASP B 131 -23.94 9.93 -9.42
C ASP B 131 -23.69 8.52 -8.89
N GLY B 132 -22.46 8.21 -8.50
CA GLY B 132 -22.16 6.94 -7.86
C GLY B 132 -22.00 5.74 -8.77
N ARG B 133 -22.01 5.95 -10.08
CA ARG B 133 -21.89 4.87 -11.05
C ARG B 133 -20.96 5.33 -12.16
N ILE B 134 -20.51 4.39 -12.99
CA ILE B 134 -19.46 4.66 -13.98
C ILE B 134 -20.11 4.65 -15.37
N SER B 135 -20.16 5.82 -15.99
CA SER B 135 -20.64 5.95 -17.36
C SER B 135 -19.58 5.46 -18.33
N PHE B 136 -19.98 5.31 -19.60
CA PHE B 136 -19.01 4.92 -20.62
C PHE B 136 -17.89 5.93 -20.73
N GLU B 137 -18.21 7.23 -20.65
CA GLU B 137 -17.19 8.27 -20.71
C GLU B 137 -16.18 8.12 -19.57
N GLU B 138 -16.70 7.94 -18.34
CA GLU B 138 -15.80 7.72 -17.19
C GLU B 138 -15.00 6.45 -17.36
N PHE B 139 -15.62 5.40 -17.91
CA PHE B 139 -14.92 4.14 -18.17
C PHE B 139 -13.75 4.34 -19.13
N CYS B 140 -13.99 5.05 -20.23
CA CYS B 140 -12.93 5.24 -21.22
C CYS B 140 -11.81 6.15 -20.71
N ALA B 141 -12.14 7.10 -19.84
CA ALA B 141 -11.09 7.91 -19.21
C ALA B 141 -10.05 7.04 -18.52
N VAL B 142 -10.48 5.91 -17.96
CA VAL B 142 -9.58 5.05 -17.20
C VAL B 142 -8.83 4.10 -18.11
N VAL B 143 -9.51 3.47 -19.07
CA VAL B 143 -8.93 2.37 -19.83
C VAL B 143 -8.60 2.74 -21.27
N GLY B 144 -9.02 3.92 -21.74
CA GLY B 144 -8.89 4.24 -23.15
C GLY B 144 -7.49 4.08 -23.70
N GLY B 145 -6.47 4.27 -22.86
CA GLY B 145 -5.10 4.21 -23.30
C GLY B 145 -4.46 2.85 -23.30
N LEU B 146 -5.21 1.79 -22.98
CA LEU B 146 -4.63 0.46 -22.86
C LEU B 146 -4.57 -0.31 -24.18
N ASP B 147 -5.32 0.13 -25.20
CA ASP B 147 -5.28 -0.49 -26.53
C ASP B 147 -5.77 -1.95 -26.50
N ILE B 148 -6.75 -2.25 -25.65
CA ILE B 148 -7.33 -3.59 -25.65
C ILE B 148 -8.22 -3.79 -26.87
N HIS B 149 -8.73 -2.71 -27.46
CA HIS B 149 -9.55 -2.83 -28.67
C HIS B 149 -8.80 -3.52 -29.79
N LYS B 150 -7.47 -3.37 -29.85
CA LYS B 150 -6.69 -4.03 -30.88
C LYS B 150 -6.75 -5.54 -30.79
N LYS B 151 -7.02 -6.09 -29.59
CA LYS B 151 -7.05 -7.53 -29.40
C LYS B 151 -8.43 -8.13 -29.67
N MET B 152 -9.48 -7.33 -29.66
CA MET B 152 -10.86 -7.82 -29.81
C MET B 152 -11.25 -7.86 -31.29
N VAL B 153 -10.54 -8.68 -32.04
CA VAL B 153 -10.72 -8.82 -33.48
C VAL B 153 -10.87 -10.30 -33.80
N VAL B 154 -11.85 -10.61 -34.64
CA VAL B 154 -12.14 -11.99 -35.03
C VAL B 154 -12.33 -12.03 -36.55
N ASP B 155 -11.78 -13.08 -37.17
CA ASP B 155 -11.91 -13.30 -38.60
C ASP B 155 -13.08 -14.24 -38.87
N VAL B 156 -14.10 -13.74 -39.55
CA VAL B 156 -15.24 -14.56 -39.91
C VAL B 156 -14.94 -15.28 -41.23
N ASN C 6 -5.38 -20.04 -19.02
CA ASN C 6 -5.81 -19.38 -17.79
C ASN C 6 -7.32 -19.21 -17.77
N ASN C 7 -7.99 -19.89 -16.82
CA ASN C 7 -9.44 -19.81 -16.72
C ASN C 7 -9.91 -18.72 -15.77
N TYR C 8 -9.04 -18.16 -14.94
CA TYR C 8 -9.45 -17.15 -13.96
C TYR C 8 -8.46 -16.00 -13.95
N LEU C 9 -8.99 -14.80 -13.71
CA LEU C 9 -8.16 -13.62 -13.53
C LEU C 9 -7.34 -13.75 -12.24
N THR C 10 -6.05 -13.44 -12.34
CA THR C 10 -5.13 -13.52 -11.20
C THR C 10 -4.66 -12.13 -10.82
N VAL C 11 -4.24 -12.00 -9.56
CA VAL C 11 -3.66 -10.75 -9.07
C VAL C 11 -2.23 -10.63 -9.59
N PRO C 12 -1.83 -9.46 -10.12
CA PRO C 12 -0.44 -9.31 -10.59
C PRO C 12 0.56 -9.48 -9.46
N ALA C 13 1.83 -9.55 -9.85
CA ALA C 13 2.94 -9.66 -8.89
C ALA C 13 3.51 -8.29 -8.56
N ASP C 38 21.14 -1.77 38.95
CA ASP C 38 21.95 -0.89 38.12
C ASP C 38 21.69 -1.15 36.63
N LEU C 39 22.14 -2.30 36.15
CA LEU C 39 21.95 -2.65 34.74
C LEU C 39 20.48 -3.00 34.50
N PRO C 40 19.84 -2.45 33.45
CA PRO C 40 18.41 -2.72 33.26
C PRO C 40 18.16 -4.17 32.85
N VAL C 41 17.14 -4.75 33.42
CA VAL C 41 16.70 -6.10 33.05
C VAL C 41 15.87 -6.01 31.79
N ILE C 42 16.04 -6.99 30.91
CA ILE C 42 15.30 -7.08 29.65
C ILE C 42 14.19 -8.11 29.82
N THR C 43 12.95 -7.66 29.65
CA THR C 43 11.78 -8.52 29.78
C THR C 43 11.03 -8.60 28.46
N ILE C 44 10.22 -9.62 28.32
CA ILE C 44 9.44 -9.87 27.11
C ILE C 44 7.98 -10.02 27.48
N ASP C 45 7.11 -9.25 26.83
CA ASP C 45 5.66 -9.49 26.82
C ASP C 45 5.31 -10.05 25.46
N PRO C 46 5.05 -11.35 25.33
CA PRO C 46 4.71 -11.89 24.02
C PRO C 46 3.39 -11.33 23.51
N ALA C 47 3.10 -11.61 22.24
CA ALA C 47 1.92 -11.07 21.59
C ALA C 47 0.63 -11.61 22.17
N SER C 48 -0.37 -10.75 22.29
CA SER C 48 -1.69 -11.18 22.71
C SER C 48 -2.53 -11.65 21.50
FE FE D . 12.61 -0.25 6.49
ZN ZN E . 15.44 1.38 6.51
P PO4 F . 14.63 -0.59 3.90
O1 PO4 F . 15.43 0.53 4.53
O2 PO4 F . 15.25 -1.95 4.18
O3 PO4 F . 14.54 -0.37 2.41
O4 PO4 F . 13.19 -0.57 4.47
C1 PEG G . 3.00 11.60 29.21
O1 PEG G . 4.32 11.81 29.62
C2 PEG G . 2.85 11.99 27.73
O2 PEG G . 2.60 13.37 27.61
C3 PEG G . 1.26 13.74 27.64
C4 PEG G . 1.10 15.22 27.33
O4 PEG G . 1.60 15.99 28.38
H11 PEG G . 2.76 10.67 29.33
H12 PEG G . 2.40 12.16 29.75
HO1 PEG G . 4.43 11.50 30.40
H21 PEG G . 3.67 11.77 27.27
H22 PEG G . 2.12 11.50 27.34
H31 PEG G . 0.78 13.22 26.96
H32 PEG G . 0.90 13.55 28.50
H41 PEG G . 1.58 15.44 26.52
H42 PEG G . 0.16 15.43 27.20
HO4 PEG G . 1.63 16.81 28.16
NA NA H . 7.85 16.08 -7.19
CA CA I . -32.83 -12.88 -28.12
CA CA J . -20.63 8.76 -12.72
CA CA K . -31.89 -24.01 -30.24
CA CA L . -25.57 -0.74 -15.11
#